data_4KDT
#
_entry.id   4KDT
#
_cell.length_a   96.790
_cell.length_b   96.790
_cell.length_c   167.790
_cell.angle_alpha   90.00
_cell.angle_beta   90.00
_cell.angle_gamma   90.00
#
_symmetry.space_group_name_H-M   'P 42 21 2'
#
loop_
_entity.id
_entity.type
_entity.pdbx_description
1 polymer Nanobody24
2 polymer Beta-2-microglobulin
3 non-polymer 'SULFATE ION'
4 non-polymer GLYCEROL
5 water water
#
loop_
_entity_poly.entity_id
_entity_poly.type
_entity_poly.pdbx_seq_one_letter_code
_entity_poly.pdbx_strand_id
1 'polypeptide(L)'
;QVQLQESGGGSVQAGGSLRLSCAASGYTDSRYCMAWFRQAPGKEREWVARINSGRDITYYADSVKGRFTFSQDNAKNTVY
LQMDSLEPEDTATYYCATDIPLRCRDIVAKGGDGFRYWGQGTQVTVSSHHHHHH
;
A,B
2 'polypeptide(L)'
;MIQRTPKIQVYSRHPAENGKSNFLNCYVSGFHGSDIEVDLLKNGERIEKVEHSDLSFSKDWSFYLLYYTEFTPTEKDEYA
CRVNHVTLSQPKIVKWDRDM
;
C,D
#
# COMPACT_ATOMS: atom_id res chain seq x y z
N GLN A 1 15.32 -15.13 1.20
CA GLN A 1 15.33 -13.75 1.82
C GLN A 1 14.25 -13.64 2.91
N VAL A 2 13.67 -12.44 3.08
CA VAL A 2 12.92 -12.09 4.30
C VAL A 2 11.62 -12.87 4.44
N GLN A 3 11.44 -13.52 5.57
CA GLN A 3 10.31 -14.35 5.89
CA GLN A 3 10.31 -14.33 5.91
C GLN A 3 9.65 -13.71 7.12
N LEU A 4 8.37 -13.47 7.04
CA LEU A 4 7.57 -12.94 8.15
C LEU A 4 6.99 -14.02 9.03
N GLN A 5 7.00 -13.77 10.34
CA GLN A 5 6.28 -14.58 11.29
C GLN A 5 5.30 -13.71 12.03
N GLU A 6 4.02 -13.94 11.82
CA GLU A 6 2.99 -13.01 12.21
C GLU A 6 1.87 -13.84 12.79
N SER A 7 1.43 -13.55 14.02
CA SER A 7 0.47 -14.41 14.63
C SER A 7 -0.34 -13.72 15.74
N GLY A 8 -1.31 -14.46 16.29
CA GLY A 8 -1.97 -14.06 17.54
C GLY A 8 -3.49 -13.85 17.42
N GLY A 9 -3.96 -13.53 16.21
CA GLY A 9 -5.39 -13.34 15.97
C GLY A 9 -6.31 -14.48 16.30
N GLY A 10 -7.61 -14.17 16.38
CA GLY A 10 -8.64 -15.12 16.85
C GLY A 10 -9.86 -14.38 17.42
N SER A 11 -10.59 -15.04 18.32
CA SER A 11 -11.83 -14.50 18.82
C SER A 11 -11.67 -14.08 20.26
N VAL A 12 -12.21 -12.92 20.61
CA VAL A 12 -12.12 -12.45 21.97
C VAL A 12 -13.39 -11.64 22.43
N GLN A 13 -13.71 -11.74 23.70
CA GLN A 13 -14.89 -11.09 24.31
CA GLN A 13 -14.87 -11.07 24.23
C GLN A 13 -14.46 -9.64 24.49
N ALA A 14 -15.36 -8.70 24.28
CA ALA A 14 -15.01 -7.29 24.37
C ALA A 14 -14.58 -6.91 25.78
N GLY A 15 -13.52 -6.13 25.87
CA GLY A 15 -12.94 -5.78 27.17
C GLY A 15 -11.77 -6.70 27.48
N GLY A 16 -11.65 -7.78 26.71
CA GLY A 16 -10.57 -8.69 26.89
C GLY A 16 -9.32 -8.20 26.19
N SER A 17 -8.29 -9.02 26.31
CA SER A 17 -6.99 -8.75 25.79
C SER A 17 -6.62 -9.79 24.77
N LEU A 18 -5.67 -9.39 23.93
CA LEU A 18 -5.17 -10.20 22.85
C LEU A 18 -3.81 -9.63 22.47
N ARG A 19 -2.84 -10.53 22.34
CA ARG A 19 -1.47 -10.19 22.01
C ARG A 19 -1.21 -10.62 20.61
N LEU A 20 -1.04 -9.69 19.70
CA LEU A 20 -0.42 -10.01 18.41
C LEU A 20 1.13 -10.14 18.48
N SER A 21 1.68 -10.88 17.54
CA SER A 21 3.11 -11.19 17.49
C SER A 21 3.69 -10.98 16.05
N CYS A 22 4.90 -10.43 15.92
CA CYS A 22 5.60 -10.29 14.60
C CYS A 22 7.13 -10.50 14.79
N ALA A 23 7.75 -11.14 13.80
CA ALA A 23 9.19 -11.19 13.71
C ALA A 23 9.54 -11.49 12.28
N ALA A 24 10.79 -11.29 11.88
CA ALA A 24 11.16 -11.65 10.54
C ALA A 24 12.53 -12.21 10.50
N SER A 25 12.72 -13.33 9.82
CA SER A 25 14.07 -13.86 9.57
C SER A 25 14.59 -13.47 8.18
N GLY A 26 15.90 -13.28 8.07
CA GLY A 26 16.56 -12.93 6.79
C GLY A 26 17.19 -11.55 6.73
N TYR A 27 16.81 -10.64 7.63
CA TYR A 27 17.42 -9.33 7.62
C TYR A 27 18.89 -9.34 8.10
N THR A 28 19.69 -8.49 7.45
CA THR A 28 21.04 -8.24 7.88
C THR A 28 21.02 -7.79 9.30
N ASP A 29 21.75 -8.50 10.14
CA ASP A 29 21.90 -8.16 11.57
C ASP A 29 20.57 -8.18 12.36
N SER A 30 19.55 -8.81 11.78
CA SER A 30 18.21 -8.87 12.35
C SER A 30 17.68 -7.53 12.72
N ARG A 31 18.05 -6.53 11.94
CA ARG A 31 17.68 -5.17 12.20
C ARG A 31 16.60 -4.74 11.20
N TYR A 32 15.42 -4.41 11.71
CA TYR A 32 14.28 -4.02 10.91
C TYR A 32 13.24 -3.32 11.75
N CYS A 33 12.58 -2.34 11.16
CA CYS A 33 11.56 -1.56 11.85
C CYS A 33 10.24 -2.25 11.51
N MET A 34 9.14 -1.89 12.18
CA MET A 34 7.92 -2.66 12.11
C MET A 34 6.67 -1.82 12.47
N ALA A 35 5.57 -2.04 11.74
CA ALA A 35 4.32 -1.33 11.95
C ALA A 35 3.17 -2.29 11.78
N TRP A 36 2.00 -1.92 12.29
CA TRP A 36 0.80 -2.73 12.16
C TRP A 36 -0.29 -1.90 11.48
N PHE A 37 -0.96 -2.51 10.50
CA PHE A 37 -2.17 -1.96 9.96
C PHE A 37 -3.29 -2.93 10.19
N ARG A 38 -4.51 -2.44 10.08
CA ARG A 38 -5.62 -3.34 10.08
C ARG A 38 -6.64 -2.91 9.02
N GLN A 39 -7.38 -3.91 8.56
CA GLN A 39 -8.40 -3.73 7.58
C GLN A 39 -9.68 -4.28 8.18
N ALA A 40 -10.67 -3.41 8.36
CA ALA A 40 -11.96 -3.82 8.85
C ALA A 40 -12.99 -3.80 7.75
N PRO A 41 -14.07 -4.56 7.91
CA PRO A 41 -15.19 -4.38 6.96
C PRO A 41 -15.70 -2.95 6.93
N GLY A 42 -15.96 -2.41 5.76
CA GLY A 42 -16.71 -1.15 5.66
C GLY A 42 -15.91 0.12 5.84
N LYS A 43 -14.63 -0.01 6.18
CA LYS A 43 -13.71 1.12 6.35
C LYS A 43 -12.50 0.99 5.44
N GLU A 44 -11.77 2.08 5.30
CA GLU A 44 -10.50 2.03 4.61
C GLU A 44 -9.52 1.32 5.49
N ARG A 45 -8.31 1.10 4.99
CA ARG A 45 -7.22 0.59 5.85
C ARG A 45 -6.85 1.64 6.90
N GLU A 46 -6.43 1.15 8.07
CA GLU A 46 -6.13 2.01 9.19
C GLU A 46 -4.76 1.64 9.80
N TRP A 47 -3.84 2.58 9.83
CA TRP A 47 -2.54 2.38 10.50
C TRP A 47 -2.74 2.33 12.02
N VAL A 48 -2.10 1.35 12.65
CA VAL A 48 -2.28 1.08 14.08
C VAL A 48 -1.06 1.52 14.95
N ALA A 49 0.14 1.22 14.49
CA ALA A 49 1.28 1.33 15.37
C ALA A 49 2.57 1.13 14.65
N ARG A 50 3.63 1.68 15.24
CA ARG A 50 4.96 1.62 14.66
C ARG A 50 6.00 1.58 15.73
N ILE A 51 6.99 0.72 15.52
CA ILE A 51 8.16 0.65 16.40
C ILE A 51 9.42 0.67 15.55
N ASN A 52 10.48 1.28 16.07
CA ASN A 52 11.71 1.38 15.30
C ASN A 52 12.59 0.16 15.43
N SER A 53 13.63 0.13 14.62
CA SER A 53 14.52 -1.02 14.50
C SER A 53 15.27 -1.24 15.78
N GLY A 54 15.63 -0.16 16.45
CA GLY A 54 16.22 -0.28 17.78
C GLY A 54 15.23 -0.62 18.91
N ARG A 55 13.95 -0.53 18.64
CA ARG A 55 12.91 -1.00 19.57
C ARG A 55 12.78 -0.17 20.83
N ASP A 56 13.00 1.12 20.73
CA ASP A 56 12.82 1.96 21.89
C ASP A 56 11.98 3.21 21.61
N ILE A 57 11.34 3.22 20.44
CA ILE A 57 10.46 4.30 20.03
C ILE A 57 9.20 3.69 19.45
N THR A 58 8.04 4.23 19.83
CA THR A 58 6.79 3.65 19.44
C THR A 58 5.87 4.82 19.10
N TYR A 59 5.14 4.73 18.01
CA TYR A 59 4.10 5.64 17.73
C TYR A 59 2.84 4.81 17.60
N TYR A 60 1.73 5.33 18.10
CA TYR A 60 0.46 4.63 18.08
C TYR A 60 -0.58 5.58 17.54
N ALA A 61 -1.59 5.00 16.93
CA ALA A 61 -2.72 5.74 16.40
C ALA A 61 -3.53 6.22 17.56
N ASP A 62 -4.05 7.43 17.45
CA ASP A 62 -4.84 8.06 18.55
C ASP A 62 -5.94 7.13 18.93
N SER A 63 -6.52 6.53 17.93
CA SER A 63 -7.57 5.58 18.10
C SER A 63 -7.28 4.41 19.10
N VAL A 64 -6.00 4.07 19.34
CA VAL A 64 -5.61 2.95 20.24
C VAL A 64 -4.63 3.33 21.36
N LYS A 65 -4.28 4.60 21.40
CA LYS A 65 -3.33 5.08 22.34
C LYS A 65 -3.89 4.76 23.73
N GLY A 66 -3.01 4.32 24.62
CA GLY A 66 -3.39 3.96 26.00
C GLY A 66 -3.91 2.54 26.16
N ARG A 67 -4.05 1.81 25.05
CA ARG A 67 -4.75 0.52 24.99
C ARG A 67 -3.84 -0.56 24.43
N PHE A 68 -3.06 -0.19 23.41
CA PHE A 68 -2.13 -1.05 22.70
C PHE A 68 -0.68 -0.71 23.05
N THR A 69 0.12 -1.73 23.36
CA THR A 69 1.54 -1.48 23.68
C THR A 69 2.45 -2.58 23.22
N PHE A 70 3.57 -2.14 22.69
CA PHE A 70 4.55 -3.02 22.18
C PHE A 70 5.35 -3.53 23.34
N SER A 71 5.72 -4.81 23.30
CA SER A 71 6.79 -5.33 24.13
C SER A 71 7.59 -6.30 23.30
N GLN A 72 8.69 -6.77 23.88
CA GLN A 72 9.60 -7.77 23.31
C GLN A 72 9.65 -9.03 24.17
N ASP A 73 10.02 -10.16 23.59
CA ASP A 73 10.21 -11.38 24.41
C ASP A 73 11.55 -11.34 25.16
N ASN A 74 11.73 -12.27 26.12
CA ASN A 74 13.00 -12.37 26.89
C ASN A 74 14.19 -12.48 25.93
N ALA A 75 14.16 -13.49 25.06
CA ALA A 75 15.18 -13.71 24.01
C ALA A 75 15.36 -12.54 22.99
N LYS A 76 14.39 -11.61 22.92
CA LYS A 76 14.49 -10.45 22.03
C LYS A 76 14.27 -10.74 20.53
N ASN A 77 13.86 -11.95 20.19
CA ASN A 77 13.72 -12.32 18.79
CA ASN A 77 13.72 -12.32 18.79
C ASN A 77 12.41 -11.77 18.21
N THR A 78 11.34 -11.78 19.02
CA THR A 78 9.97 -11.45 18.59
C THR A 78 9.43 -10.17 19.23
N VAL A 79 8.61 -9.43 18.53
CA VAL A 79 7.92 -8.29 19.10
C VAL A 79 6.44 -8.59 19.28
N TYR A 80 5.89 -8.16 20.41
CA TYR A 80 4.47 -8.30 20.69
C TYR A 80 3.80 -6.96 20.72
N LEU A 81 2.54 -6.93 20.28
CA LEU A 81 1.64 -5.81 20.45
C LEU A 81 0.54 -6.32 21.35
N GLN A 82 0.50 -5.81 22.57
CA GLN A 82 -0.52 -6.17 23.54
C GLN A 82 -1.70 -5.28 23.33
N MET A 83 -2.83 -5.85 23.04
CA MET A 83 -4.04 -5.13 22.86
C MET A 83 -4.96 -5.40 24.03
N ASP A 84 -5.16 -4.41 24.89
CA ASP A 84 -6.12 -4.45 25.96
C ASP A 84 -7.38 -3.64 25.62
N SER A 85 -8.42 -3.87 26.43
CA SER A 85 -9.66 -3.07 26.44
C SER A 85 -10.26 -2.97 25.07
N LEU A 86 -10.26 -4.12 24.41
CA LEU A 86 -10.75 -4.29 23.07
C LEU A 86 -12.21 -4.05 22.98
N GLU A 87 -12.60 -3.41 21.89
CA GLU A 87 -13.97 -3.09 21.63
C GLU A 87 -14.36 -3.76 20.30
N PRO A 88 -15.66 -3.81 20.01
CA PRO A 88 -16.02 -4.44 18.70
C PRO A 88 -15.48 -3.70 17.47
N GLU A 89 -15.28 -2.39 17.58
CA GLU A 89 -14.73 -1.61 16.49
C GLU A 89 -13.32 -2.08 16.12
N ASP A 90 -12.64 -2.83 16.99
CA ASP A 90 -11.30 -3.33 16.67
C ASP A 90 -11.30 -4.67 15.89
N THR A 91 -12.50 -5.14 15.57
CA THR A 91 -12.62 -6.29 14.73
C THR A 91 -12.05 -5.96 13.36
N ALA A 92 -11.01 -6.70 12.97
CA ALA A 92 -10.33 -6.44 11.71
C ALA A 92 -9.31 -7.51 11.41
N THR A 93 -8.76 -7.52 10.21
CA THR A 93 -7.56 -8.30 9.99
C THR A 93 -6.35 -7.38 10.18
N TYR A 94 -5.39 -7.81 11.04
CA TYR A 94 -4.17 -7.04 11.32
C TYR A 94 -3.00 -7.61 10.52
N TYR A 95 -2.20 -6.71 9.96
CA TYR A 95 -1.02 -7.08 9.18
C TYR A 95 0.22 -6.38 9.72
N CYS A 96 1.38 -7.05 9.76
CA CYS A 96 2.60 -6.32 10.01
C CYS A 96 3.50 -6.19 8.82
N ALA A 97 4.28 -5.14 8.87
CA ALA A 97 5.13 -4.70 7.76
C ALA A 97 6.52 -4.42 8.28
N THR A 98 7.51 -4.88 7.52
CA THR A 98 8.88 -4.70 7.91
C THR A 98 9.74 -4.19 6.78
N ASP A 99 10.79 -3.47 7.14
CA ASP A 99 11.85 -3.11 6.19
C ASP A 99 13.16 -2.71 6.87
N ILE A 100 14.22 -2.60 6.09
CA ILE A 100 15.50 -2.22 6.64
C ILE A 100 15.51 -0.75 7.13
N PRO A 101 16.34 -0.43 8.14
CA PRO A 101 16.30 0.92 8.77
C PRO A 101 16.48 2.08 7.81
N LEU A 102 17.37 1.90 6.84
CA LEU A 102 17.61 2.90 5.82
C LEU A 102 16.33 3.33 5.08
N ARG A 103 15.51 2.38 4.70
CA ARG A 103 14.20 2.69 4.11
C ARG A 103 13.16 3.16 5.10
N CYS A 104 13.16 2.55 6.28
CA CYS A 104 12.23 2.90 7.34
C CYS A 104 12.31 4.37 7.78
N ARG A 105 13.52 4.89 7.72
CA ARG A 105 13.78 6.24 8.07
C ARG A 105 12.90 7.22 7.28
N ASP A 106 12.53 6.80 6.07
CA ASP A 106 11.79 7.68 5.12
C ASP A 106 10.36 7.31 5.00
N ILE A 107 10.00 6.16 5.57
CA ILE A 107 8.64 5.76 5.77
C ILE A 107 8.13 6.50 6.96
N VAL A 108 7.20 7.39 6.71
CA VAL A 108 6.63 8.25 7.70
C VAL A 108 6.08 7.39 8.83
N ALA A 109 6.08 7.92 10.05
CA ALA A 109 5.85 7.09 11.24
C ALA A 109 4.39 6.73 11.42
N LYS A 110 3.54 7.75 11.41
CA LYS A 110 2.11 7.57 11.53
C LYS A 110 1.43 7.47 10.14
N GLY A 111 1.34 6.26 9.60
CA GLY A 111 0.72 6.13 8.30
C GLY A 111 1.62 5.63 7.20
N GLY A 112 2.88 6.01 7.19
CA GLY A 112 3.73 5.59 6.09
C GLY A 112 3.61 4.09 5.86
N ASP A 113 3.45 3.67 4.60
CA ASP A 113 3.22 2.26 4.27
C ASP A 113 4.16 1.73 3.21
N GLY A 114 5.31 2.39 3.00
CA GLY A 114 6.26 1.98 1.98
C GLY A 114 7.11 0.77 2.34
N PHE A 115 6.65 -0.08 3.24
CA PHE A 115 7.43 -1.22 3.66
C PHE A 115 7.35 -2.24 2.57
N ARG A 116 8.47 -2.88 2.25
CA ARG A 116 8.49 -3.96 1.25
C ARG A 116 7.89 -5.28 1.77
N TYR A 117 8.05 -5.62 3.05
CA TYR A 117 7.78 -7.00 3.50
C TYR A 117 6.66 -7.15 4.54
N TRP A 118 5.54 -7.75 4.11
CA TRP A 118 4.32 -7.86 4.91
C TRP A 118 3.87 -9.30 5.23
N GLY A 119 3.11 -9.40 6.31
CA GLY A 119 2.42 -10.63 6.64
C GLY A 119 1.18 -10.76 5.81
N GLN A 120 0.70 -11.99 5.71
CA GLN A 120 -0.54 -12.31 5.05
C GLN A 120 -1.76 -11.75 5.74
N GLY A 121 -1.64 -11.58 7.06
CA GLY A 121 -2.69 -10.97 7.91
C GLY A 121 -3.27 -11.96 8.92
N THR A 122 -3.54 -11.48 10.13
CA THR A 122 -4.16 -12.31 11.17
C THR A 122 -5.46 -11.61 11.62
N GLN A 123 -6.53 -12.40 11.69
CA GLN A 123 -7.82 -11.84 11.95
C GLN A 123 -8.22 -11.88 13.41
N VAL A 124 -8.77 -10.77 13.86
CA VAL A 124 -9.25 -10.59 15.20
C VAL A 124 -10.72 -10.21 15.20
N THR A 125 -11.53 -11.01 15.87
CA THR A 125 -12.95 -10.78 15.93
C THR A 125 -13.36 -10.48 17.39
N VAL A 126 -13.86 -9.27 17.62
CA VAL A 126 -14.23 -8.87 18.97
C VAL A 126 -15.75 -8.82 19.14
N SER A 127 -16.32 -9.84 19.77
CA SER A 127 -17.75 -9.87 19.96
C SER A 127 -18.19 -9.20 21.28
N SER A 128 -19.42 -8.70 21.28
CA SER A 128 -20.05 -8.19 22.47
C SER A 128 -20.59 -9.32 23.39
N HIS A 129 -21.49 -8.97 24.31
CA HIS A 129 -22.07 -9.94 25.23
C HIS A 129 -23.56 -10.13 24.96
N GLN B 1 -21.17 3.26 4.00
CA GLN B 1 -20.03 3.42 3.01
C GLN B 1 -19.83 2.14 2.16
N VAL B 2 -18.64 1.99 1.57
CA VAL B 2 -18.30 0.82 0.72
C VAL B 2 -18.02 -0.42 1.53
N GLN B 3 -18.47 -1.56 1.00
CA GLN B 3 -18.48 -2.82 1.74
C GLN B 3 -18.04 -4.02 0.86
N LEU B 4 -16.81 -4.52 1.03
CA LEU B 4 -16.27 -5.65 0.23
C LEU B 4 -16.86 -7.01 0.52
N GLN B 5 -17.03 -7.81 -0.52
CA GLN B 5 -17.48 -9.18 -0.41
C GLN B 5 -16.47 -9.95 -1.19
N GLU B 6 -15.69 -10.74 -0.50
CA GLU B 6 -14.47 -11.33 -1.03
C GLU B 6 -14.48 -12.76 -0.57
N SER B 7 -14.33 -13.70 -1.51
CA SER B 7 -14.41 -15.10 -1.13
C SER B 7 -13.71 -16.02 -2.07
N GLY B 8 -13.57 -17.26 -1.64
CA GLY B 8 -13.21 -18.33 -2.55
C GLY B 8 -12.08 -19.19 -2.05
N GLY B 9 -11.11 -18.61 -1.37
CA GLY B 9 -9.92 -19.35 -0.96
C GLY B 9 -10.14 -20.61 -0.14
N GLY B 10 -9.07 -21.38 -0.03
CA GLY B 10 -9.06 -22.61 0.73
C GLY B 10 -7.91 -23.45 0.21
N SER B 11 -8.04 -24.77 0.30
CA SER B 11 -7.00 -25.68 -0.11
C SER B 11 -7.38 -26.35 -1.40
N VAL B 12 -6.44 -26.44 -2.33
CA VAL B 12 -6.65 -27.17 -3.58
C VAL B 12 -5.39 -27.95 -3.99
N GLN B 13 -5.50 -29.05 -4.76
CA GLN B 13 -4.30 -29.77 -5.21
CA GLN B 13 -4.29 -29.76 -5.20
C GLN B 13 -3.69 -29.07 -6.44
N ALA B 14 -2.38 -29.20 -6.57
CA ALA B 14 -1.66 -28.69 -7.73
C ALA B 14 -2.26 -29.29 -8.95
N GLY B 15 -2.27 -28.48 -10.02
CA GLY B 15 -2.98 -28.80 -11.24
C GLY B 15 -4.45 -28.38 -11.27
N GLY B 16 -5.07 -28.25 -10.11
CA GLY B 16 -6.52 -28.09 -10.04
C GLY B 16 -6.86 -26.62 -10.16
N SER B 17 -8.11 -26.31 -9.92
CA SER B 17 -8.59 -24.99 -10.17
C SER B 17 -9.33 -24.48 -8.99
N LEU B 18 -9.49 -23.16 -8.93
CA LEU B 18 -10.18 -22.55 -7.81
C LEU B 18 -10.73 -21.19 -8.21
N ARG B 19 -12.00 -20.95 -7.89
CA ARG B 19 -12.63 -19.70 -8.27
C ARG B 19 -12.64 -18.70 -7.14
N LEU B 20 -11.82 -17.67 -7.25
CA LEU B 20 -11.96 -16.48 -6.39
C LEU B 20 -13.17 -15.61 -6.81
N SER B 21 -13.70 -14.86 -5.87
CA SER B 21 -14.94 -14.13 -6.07
C SER B 21 -14.83 -12.80 -5.35
N CYS B 22 -15.35 -11.75 -5.97
CA CYS B 22 -15.34 -10.43 -5.36
C CYS B 22 -16.46 -9.52 -5.84
N ALA B 23 -16.98 -8.71 -4.93
CA ALA B 23 -17.95 -7.68 -5.26
C ALA B 23 -17.89 -6.62 -4.18
N ALA B 24 -18.44 -5.46 -4.46
CA ALA B 24 -18.53 -4.42 -3.43
C ALA B 24 -19.86 -3.81 -3.47
N SER B 25 -20.36 -3.37 -2.34
CA SER B 25 -21.60 -2.60 -2.30
C SER B 25 -21.33 -1.19 -1.78
N GLY B 26 -22.27 -0.27 -2.00
CA GLY B 26 -22.12 1.12 -1.57
C GLY B 26 -21.60 2.13 -2.62
N TYR B 27 -21.09 1.65 -3.76
CA TYR B 27 -20.61 2.55 -4.81
C TYR B 27 -21.79 3.11 -5.63
N THR B 28 -21.69 4.38 -6.00
CA THR B 28 -22.70 5.01 -6.83
C THR B 28 -22.78 4.28 -8.13
N ASP B 29 -24.03 4.03 -8.53
CA ASP B 29 -24.38 3.35 -9.77
C ASP B 29 -23.67 2.00 -9.86
N SER B 30 -23.37 1.42 -8.70
CA SER B 30 -22.54 0.21 -8.57
C SER B 30 -21.36 0.16 -9.53
N ARG B 31 -20.77 1.30 -9.83
CA ARG B 31 -19.69 1.35 -10.78
C ARG B 31 -18.37 1.40 -10.02
N TYR B 32 -17.55 0.38 -10.23
CA TYR B 32 -16.23 0.28 -9.61
C TYR B 32 -15.29 -0.67 -10.31
N CYS B 33 -14.03 -0.27 -10.37
CA CYS B 33 -13.01 -1.08 -11.00
C CYS B 33 -12.46 -2.01 -9.95
N MET B 34 -11.62 -2.96 -10.32
CA MET B 34 -11.25 -4.02 -9.40
C MET B 34 -9.92 -4.70 -9.79
N ALA B 35 -9.15 -5.10 -8.80
CA ALA B 35 -7.86 -5.74 -9.02
C ALA B 35 -7.60 -6.71 -7.90
N TRP B 36 -6.72 -7.67 -8.17
CA TRP B 36 -6.36 -8.68 -7.19
C TRP B 36 -4.86 -8.64 -6.98
N PHE B 37 -4.47 -8.75 -5.72
CA PHE B 37 -3.07 -8.81 -5.37
C PHE B 37 -2.88 -10.03 -4.50
N ARG B 38 -1.69 -10.57 -4.46
CA ARG B 38 -1.45 -11.62 -3.51
C ARG B 38 -0.13 -11.47 -2.74
N GLN B 39 -0.15 -12.02 -1.52
CA GLN B 39 0.97 -12.02 -0.63
C GLN B 39 1.40 -13.46 -0.28
N ALA B 40 2.52 -13.91 -0.86
CA ALA B 40 3.09 -15.21 -0.49
C ALA B 40 4.05 -15.02 0.64
N PRO B 41 4.37 -16.09 1.35
CA PRO B 41 5.46 -16.00 2.29
C PRO B 41 6.77 -15.92 1.58
N GLY B 42 7.73 -15.20 2.13
CA GLY B 42 9.05 -15.08 1.48
C GLY B 42 9.18 -14.06 0.37
N LYS B 43 8.06 -13.50 -0.11
CA LYS B 43 8.04 -12.63 -1.31
C LYS B 43 7.55 -11.25 -1.00
N GLU B 44 7.87 -10.29 -1.85
CA GLU B 44 7.20 -9.00 -1.78
C GLU B 44 5.77 -9.26 -2.21
N ARG B 45 4.88 -8.26 -2.14
CA ARG B 45 3.46 -8.44 -2.56
C ARG B 45 3.40 -8.42 -4.10
N GLU B 46 2.48 -9.17 -4.71
CA GLU B 46 2.43 -9.30 -6.20
C GLU B 46 1.08 -8.88 -6.79
N TRP B 47 1.08 -8.06 -7.81
CA TRP B 47 -0.19 -7.69 -8.45
C TRP B 47 -0.59 -8.86 -9.37
N VAL B 48 -1.82 -9.31 -9.29
CA VAL B 48 -2.18 -10.48 -10.05
C VAL B 48 -2.99 -10.11 -11.28
N ALA B 49 -3.99 -9.25 -11.12
CA ALA B 49 -4.95 -9.01 -12.15
C ALA B 49 -5.78 -7.74 -11.90
N ARG B 50 -6.42 -7.26 -12.96
CA ARG B 50 -7.17 -5.98 -12.93
C ARG B 50 -8.21 -6.02 -14.00
N ILE B 51 -9.41 -5.54 -13.64
CA ILE B 51 -10.53 -5.43 -14.57
C ILE B 51 -11.19 -4.10 -14.33
N ASN B 52 -11.80 -3.53 -15.37
CA ASN B 52 -12.29 -2.16 -15.26
C ASN B 52 -13.74 -2.11 -14.87
N SER B 53 -14.18 -0.92 -14.49
CA SER B 53 -15.56 -0.67 -14.12
C SER B 53 -16.56 -1.22 -15.13
N GLY B 54 -16.22 -1.15 -16.42
CA GLY B 54 -17.10 -1.66 -17.49
C GLY B 54 -17.02 -3.17 -17.72
N ARG B 55 -15.97 -3.79 -17.20
CA ARG B 55 -15.84 -5.24 -17.22
C ARG B 55 -15.55 -5.79 -18.61
N ASP B 56 -15.14 -4.91 -19.50
CA ASP B 56 -14.86 -5.32 -20.85
C ASP B 56 -13.37 -5.33 -21.16
N ILE B 57 -12.57 -5.13 -20.14
CA ILE B 57 -11.14 -5.09 -20.37
C ILE B 57 -10.37 -5.53 -19.13
N THR B 58 -9.41 -6.43 -19.37
CA THR B 58 -8.68 -7.09 -18.32
C THR B 58 -7.15 -7.00 -18.53
N TYR B 59 -6.42 -7.06 -17.44
CA TYR B 59 -4.99 -7.13 -17.50
C TYR B 59 -4.58 -8.17 -16.50
N TYR B 60 -3.51 -8.87 -16.82
CA TYR B 60 -3.04 -9.97 -16.01
C TYR B 60 -1.51 -9.92 -15.92
N ALA B 61 -1.01 -10.41 -14.81
CA ALA B 61 0.42 -10.49 -14.62
C ALA B 61 0.98 -11.56 -15.52
N ASP B 62 2.17 -11.34 -16.07
CA ASP B 62 2.76 -12.37 -16.93
C ASP B 62 2.78 -13.74 -16.22
N SER B 63 3.11 -13.75 -14.95
CA SER B 63 3.12 -14.98 -14.18
C SER B 63 1.82 -15.81 -14.23
N VAL B 64 0.65 -15.18 -14.41
CA VAL B 64 -0.63 -15.92 -14.44
C VAL B 64 -1.38 -15.89 -15.76
N LYS B 65 -0.83 -15.19 -16.75
CA LYS B 65 -1.52 -14.85 -17.97
C LYS B 65 -2.37 -15.93 -18.63
N GLY B 66 -1.80 -17.11 -18.84
CA GLY B 66 -2.56 -18.17 -19.53
C GLY B 66 -3.71 -18.84 -18.74
N ARG B 67 -3.71 -18.65 -17.43
CA ARG B 67 -4.40 -19.50 -16.46
C ARG B 67 -5.47 -18.82 -15.62
N PHE B 68 -5.34 -17.53 -15.38
CA PHE B 68 -6.34 -16.80 -14.62
C PHE B 68 -7.18 -15.95 -15.55
N THR B 69 -8.51 -16.01 -15.36
CA THR B 69 -9.40 -15.22 -16.19
C THR B 69 -10.67 -14.81 -15.47
N PHE B 70 -11.02 -13.54 -15.67
CA PHE B 70 -12.18 -12.95 -15.08
C PHE B 70 -13.41 -13.47 -15.77
N SER B 71 -14.53 -13.51 -15.05
CA SER B 71 -15.88 -13.70 -15.62
C SER B 71 -16.90 -13.10 -14.66
N GLN B 72 -18.12 -12.80 -15.12
CA GLN B 72 -19.22 -12.40 -14.21
C GLN B 72 -20.29 -13.47 -13.99
N ASP B 73 -21.14 -13.28 -12.98
CA ASP B 73 -22.33 -14.14 -12.81
C ASP B 73 -23.40 -13.67 -13.80
N ASN B 74 -24.50 -14.41 -13.90
CA ASN B 74 -25.63 -14.03 -14.80
C ASN B 74 -26.27 -12.67 -14.45
N ALA B 75 -26.34 -12.36 -13.17
CA ALA B 75 -26.85 -11.06 -12.69
C ALA B 75 -25.84 -9.90 -12.90
N LYS B 76 -24.56 -10.25 -13.05
CA LYS B 76 -23.48 -9.25 -13.11
C LYS B 76 -23.29 -8.47 -11.82
N ASN B 77 -23.67 -9.05 -10.68
CA ASN B 77 -23.44 -8.41 -9.38
C ASN B 77 -21.97 -8.49 -9.04
N THR B 78 -21.35 -9.59 -9.50
CA THR B 78 -20.16 -10.22 -8.89
C THR B 78 -19.14 -10.64 -9.95
N VAL B 79 -17.86 -10.57 -9.64
CA VAL B 79 -16.82 -10.92 -10.57
C VAL B 79 -16.00 -12.08 -10.05
N TYR B 80 -15.72 -13.03 -10.91
CA TYR B 80 -14.95 -14.20 -10.53
C TYR B 80 -13.57 -14.19 -11.14
N LEU B 81 -12.53 -14.51 -10.38
CA LEU B 81 -11.25 -14.75 -10.96
C LEU B 81 -11.13 -16.19 -10.97
N GLN B 82 -11.11 -16.78 -12.15
CA GLN B 82 -11.02 -18.24 -12.29
C GLN B 82 -9.58 -18.64 -12.43
N MET B 83 -9.17 -19.55 -11.59
CA MET B 83 -7.78 -19.74 -11.35
C MET B 83 -7.49 -21.17 -11.74
N ASP B 84 -6.98 -21.36 -12.94
CA ASP B 84 -6.76 -22.72 -13.46
C ASP B 84 -5.30 -23.11 -13.30
N SER B 85 -5.02 -24.41 -13.37
CA SER B 85 -3.64 -24.92 -13.48
C SER B 85 -2.73 -24.41 -12.38
N LEU B 86 -3.19 -24.57 -11.17
CA LEU B 86 -2.51 -24.00 -10.04
C LEU B 86 -1.25 -24.77 -9.72
N GLU B 87 -0.29 -24.04 -9.14
CA GLU B 87 0.97 -24.60 -8.72
C GLU B 87 1.30 -24.19 -7.27
N PRO B 88 2.26 -24.90 -6.64
CA PRO B 88 2.58 -24.52 -5.26
C PRO B 88 3.01 -23.09 -5.11
N GLU B 89 3.64 -22.53 -6.12
CA GLU B 89 4.04 -21.15 -6.03
C GLU B 89 2.86 -20.16 -6.09
N ASP B 90 1.65 -20.59 -6.42
CA ASP B 90 0.51 -19.67 -6.26
C ASP B 90 -0.03 -19.63 -4.83
N THR B 91 0.51 -20.46 -3.94
CA THR B 91 0.10 -20.43 -2.54
C THR B 91 0.32 -19.06 -1.97
N ALA B 92 -0.77 -18.41 -1.55
CA ALA B 92 -0.71 -17.03 -1.03
C ALA B 92 -2.06 -16.60 -0.49
N THR B 93 -2.09 -15.41 0.12
CA THR B 93 -3.35 -14.83 0.55
C THR B 93 -3.66 -13.81 -0.54
N TYR B 94 -4.88 -13.86 -1.06
CA TYR B 94 -5.29 -13.04 -2.22
C TYR B 94 -6.20 -11.96 -1.73
N TYR B 95 -6.01 -10.74 -2.22
CA TYR B 95 -6.83 -9.61 -1.76
C TYR B 95 -7.47 -8.87 -2.91
N CYS B 96 -8.76 -8.67 -2.80
CA CYS B 96 -9.54 -7.85 -3.74
C CYS B 96 -9.40 -6.35 -3.41
N ALA B 97 -9.27 -5.51 -4.41
CA ALA B 97 -9.24 -4.03 -4.17
C ALA B 97 -10.11 -3.26 -5.18
N THR B 98 -10.78 -2.21 -4.71
CA THR B 98 -11.76 -1.49 -5.48
C THR B 98 -11.71 0.02 -5.28
N ASP B 99 -12.16 0.74 -6.31
CA ASP B 99 -12.39 2.16 -6.19
C ASP B 99 -13.30 2.64 -7.33
N ILE B 100 -13.78 3.88 -7.21
CA ILE B 100 -14.60 4.47 -8.23
C ILE B 100 -13.79 4.67 -9.55
N PRO B 101 -14.49 4.71 -10.71
CA PRO B 101 -13.85 4.97 -12.03
C PRO B 101 -12.94 6.21 -12.17
N LEU B 102 -13.36 7.35 -11.64
CA LEU B 102 -12.51 8.54 -11.65
C LEU B 102 -11.08 8.28 -11.10
N ARG B 103 -10.99 7.65 -9.93
CA ARG B 103 -9.68 7.34 -9.33
C ARG B 103 -8.96 6.23 -10.03
N CYS B 104 -9.71 5.19 -10.38
CA CYS B 104 -9.17 4.05 -11.12
C CYS B 104 -8.46 4.45 -12.43
N ARG B 105 -8.97 5.48 -13.10
CA ARG B 105 -8.37 5.96 -14.34
C ARG B 105 -6.92 6.35 -14.12
N ASP B 106 -6.63 6.90 -12.96
CA ASP B 106 -5.26 7.24 -12.65
C ASP B 106 -4.53 6.25 -11.76
N ILE B 107 -5.02 5.01 -11.65
CA ILE B 107 -4.31 3.92 -10.97
C ILE B 107 -3.77 2.95 -12.02
N VAL B 108 -2.48 3.13 -12.32
CA VAL B 108 -1.77 2.31 -13.30
C VAL B 108 -2.21 0.88 -13.34
N ALA B 109 -2.64 0.42 -14.51
CA ALA B 109 -3.20 -0.92 -14.66
C ALA B 109 -2.40 -2.01 -13.96
N LYS B 110 -1.22 -2.32 -14.51
CA LYS B 110 -0.42 -3.43 -14.05
C LYS B 110 0.39 -3.00 -12.81
N GLY B 111 -0.18 -3.22 -11.63
CA GLY B 111 0.56 -2.89 -10.42
C GLY B 111 0.08 -1.71 -9.60
N GLY B 112 -0.48 -0.68 -10.19
CA GLY B 112 -0.99 0.44 -9.41
C GLY B 112 -1.82 -0.08 -8.23
N ASP B 113 -1.69 0.59 -7.08
CA ASP B 113 -2.38 0.11 -5.89
C ASP B 113 -2.97 1.21 -5.05
N GLY B 114 -3.32 2.34 -5.65
CA GLY B 114 -4.00 3.43 -4.94
C GLY B 114 -5.48 3.20 -4.62
N PHE B 115 -5.96 1.96 -4.63
CA PHE B 115 -7.37 1.73 -4.39
C PHE B 115 -7.64 2.06 -2.96
N ARG B 116 -8.78 2.68 -2.66
CA ARG B 116 -9.13 2.95 -1.24
C ARG B 116 -9.79 1.82 -0.49
N TYR B 117 -10.32 0.82 -1.17
CA TYR B 117 -11.16 -0.15 -0.50
C TYR B 117 -10.74 -1.60 -0.83
N TRP B 118 -10.46 -2.37 0.21
CA TRP B 118 -9.84 -3.68 0.08
C TRP B 118 -10.54 -4.76 0.92
N GLY B 119 -10.44 -6.00 0.49
CA GLY B 119 -10.82 -7.10 1.35
C GLY B 119 -9.72 -7.47 2.32
N GLN B 120 -10.07 -8.32 3.26
CA GLN B 120 -9.17 -8.68 4.30
C GLN B 120 -8.21 -9.74 3.83
N GLY B 121 -8.59 -10.43 2.76
CA GLY B 121 -7.75 -11.46 2.18
C GLY B 121 -8.34 -12.87 2.30
N THR B 122 -8.06 -13.68 1.29
CA THR B 122 -8.57 -15.02 1.21
C THR B 122 -7.39 -15.88 0.82
N GLN B 123 -7.11 -16.85 1.68
CA GLN B 123 -5.92 -17.67 1.59
C GLN B 123 -6.13 -18.87 0.67
N VAL B 124 -5.17 -19.07 -0.20
CA VAL B 124 -5.18 -20.17 -1.12
C VAL B 124 -3.92 -21.01 -0.88
N THR B 125 -4.08 -22.30 -0.70
CA THR B 125 -2.97 -23.14 -0.37
C THR B 125 -2.96 -24.27 -1.35
N VAL B 126 -1.94 -24.28 -2.20
CA VAL B 126 -1.81 -25.31 -3.21
C VAL B 126 -0.70 -26.27 -2.81
N SER B 127 -0.91 -27.55 -2.98
CA SER B 127 0.11 -28.50 -2.60
C SER B 127 0.19 -29.65 -3.55
N SER B 128 1.40 -30.10 -3.85
CA SER B 128 1.60 -31.21 -4.78
C SER B 128 1.11 -32.52 -4.18
N THR C 5 -18.24 -5.45 -40.22
CA THR C 5 -17.53 -5.35 -38.91
C THR C 5 -16.33 -4.42 -38.98
N PRO C 6 -16.29 -3.38 -38.12
CA PRO C 6 -15.41 -2.23 -38.34
C PRO C 6 -13.94 -2.47 -37.98
N LYS C 7 -13.05 -1.89 -38.78
CA LYS C 7 -11.61 -1.85 -38.49
C LYS C 7 -11.26 -0.78 -37.48
N ILE C 8 -10.40 -1.14 -36.55
CA ILE C 8 -9.90 -0.25 -35.52
C ILE C 8 -8.38 -0.20 -35.51
N GLN C 9 -7.83 0.99 -35.42
CA GLN C 9 -6.42 1.11 -35.21
C GLN C 9 -6.20 2.11 -34.10
N VAL C 10 -5.17 1.84 -33.31
CA VAL C 10 -4.81 2.68 -32.19
C VAL C 10 -3.33 2.98 -32.30
N TYR C 11 -2.96 4.24 -32.18
CA TYR C 11 -1.57 4.67 -32.36
C TYR C 11 -1.44 6.04 -31.75
N SER C 12 -0.21 6.51 -31.58
CA SER C 12 0.06 7.85 -31.03
C SER C 12 0.66 8.70 -32.09
N ARG C 13 0.57 10.00 -31.92
CA ARG C 13 0.99 10.94 -32.96
C ARG C 13 2.49 10.88 -33.22
N HIS C 14 3.29 10.73 -32.17
CA HIS C 14 4.72 10.47 -32.31
C HIS C 14 5.10 9.17 -31.60
N PRO C 15 6.39 8.82 -31.62
CA PRO C 15 7.00 8.04 -30.54
C PRO C 15 6.83 8.74 -29.17
N GLU C 17 8.57 10.21 -25.96
CA GLU C 17 7.85 9.23 -25.20
C GLU C 17 7.72 9.75 -23.76
N ASN C 18 7.98 8.91 -22.76
CA ASN C 18 7.48 9.15 -21.39
C ASN C 18 7.87 10.52 -20.84
N GLY C 19 6.89 11.30 -20.39
CA GLY C 19 7.11 12.67 -19.89
C GLY C 19 6.72 13.80 -20.84
N LYS C 20 6.82 13.59 -22.16
CA LYS C 20 6.49 14.64 -23.15
C LYS C 20 5.07 14.48 -23.74
N SER C 21 4.52 15.56 -24.32
CA SER C 21 3.09 15.59 -24.70
C SER C 21 2.77 15.22 -26.18
N ASN C 22 1.82 14.29 -26.30
CA ASN C 22 1.57 13.55 -27.51
C ASN C 22 0.07 13.40 -27.67
N PHE C 23 -0.36 12.70 -28.70
CA PHE C 23 -1.77 12.47 -28.86
C PHE C 23 -2.04 11.01 -29.10
N LEU C 24 -3.16 10.56 -28.58
CA LEU C 24 -3.55 9.20 -28.76
C LEU C 24 -4.69 9.21 -29.72
N ASN C 25 -4.59 8.34 -30.72
CA ASN C 25 -5.56 8.31 -31.83
C ASN C 25 -6.21 6.94 -31.90
N CYS C 26 -7.52 6.95 -32.07
CA CYS C 26 -8.26 5.74 -32.45
C CYS C 26 -9.00 5.96 -33.81
N TYR C 27 -8.62 5.15 -34.78
CA TYR C 27 -9.09 5.28 -36.13
C TYR C 27 -10.07 4.13 -36.43
N VAL C 28 -11.32 4.47 -36.70
CA VAL C 28 -12.35 3.46 -36.90
C VAL C 28 -12.95 3.63 -38.28
N SER C 29 -12.96 2.55 -39.05
CA SER C 29 -13.51 2.62 -40.42
C SER C 29 -14.50 1.48 -40.65
N GLY C 30 -15.56 1.74 -41.41
CA GLY C 30 -16.48 0.66 -41.78
C GLY C 30 -17.75 1.13 -42.44
N PHE C 31 -18.81 0.33 -42.31
CA PHE C 31 -20.13 0.64 -42.86
C PHE C 31 -21.24 0.64 -41.81
N HIS C 32 -22.22 1.51 -42.02
CA HIS C 32 -23.32 1.78 -41.09
C HIS C 32 -22.88 2.35 -39.76
N GLY C 33 -22.41 3.60 -39.79
CA GLY C 33 -21.72 4.21 -38.67
C GLY C 33 -22.55 5.00 -37.68
N SER C 34 -23.87 5.08 -37.90
CA SER C 34 -24.74 5.81 -36.97
C SER C 34 -24.97 4.96 -35.75
N ASP C 35 -25.22 5.59 -34.63
CA ASP C 35 -25.43 4.82 -33.44
C ASP C 35 -24.21 4.03 -33.01
N ILE C 36 -23.04 4.35 -33.55
CA ILE C 36 -21.78 3.76 -33.08
C ILE C 36 -21.24 4.52 -31.86
N GLU C 37 -20.61 3.79 -30.93
CA GLU C 37 -19.95 4.36 -29.75
C GLU C 37 -18.46 4.04 -29.77
N VAL C 38 -17.62 5.06 -29.53
CA VAL C 38 -16.16 4.90 -29.41
C VAL C 38 -15.57 5.58 -28.16
N ASP C 39 -14.73 4.89 -27.42
CA ASP C 39 -14.14 5.49 -26.22
C ASP C 39 -12.67 5.25 -26.19
N LEU C 40 -11.95 6.25 -25.74
CA LEU C 40 -10.58 6.07 -25.40
C LEU C 40 -10.49 5.85 -23.89
N LEU C 41 -9.70 4.85 -23.54
CA LEU C 41 -9.57 4.39 -22.19
C LEU C 41 -8.16 4.59 -21.66
N LYS C 42 -8.07 5.11 -20.45
CA LYS C 42 -6.84 5.10 -19.72
C LYS C 42 -6.96 4.21 -18.51
N ASN C 43 -6.12 3.21 -18.47
CA ASN C 43 -6.23 2.15 -17.46
C ASN C 43 -7.65 1.56 -17.31
N GLY C 44 -8.38 1.52 -18.43
CA GLY C 44 -9.68 0.82 -18.50
C GLY C 44 -10.88 1.69 -18.22
N GLU C 45 -10.66 2.97 -17.91
CA GLU C 45 -11.76 3.87 -17.64
C GLU C 45 -11.80 4.98 -18.66
N ARG C 46 -12.99 5.47 -18.94
CA ARG C 46 -13.20 6.35 -20.08
C ARG C 46 -12.47 7.64 -19.82
N ILE C 47 -11.75 8.13 -20.83
CA ILE C 47 -11.23 9.51 -20.83
C ILE C 47 -12.33 10.47 -21.29
N GLU C 48 -12.52 11.57 -20.55
CA GLU C 48 -13.67 12.47 -20.81
C GLU C 48 -13.36 13.65 -21.72
N LYS C 49 -12.12 13.71 -22.22
CA LYS C 49 -11.57 14.91 -22.90
C LYS C 49 -11.68 14.82 -24.42
N VAL C 50 -12.20 13.71 -24.90
CA VAL C 50 -11.94 13.28 -26.26
C VAL C 50 -12.65 14.12 -27.33
N GLU C 51 -11.95 14.42 -28.40
CA GLU C 51 -12.60 14.97 -29.53
C GLU C 51 -12.46 14.00 -30.70
N HIS C 52 -13.33 14.14 -31.69
CA HIS C 52 -13.30 13.28 -32.86
C HIS C 52 -13.67 14.01 -34.12
N SER C 53 -13.14 13.52 -35.24
CA SER C 53 -13.53 14.05 -36.51
C SER C 53 -14.11 12.91 -37.35
N ASP C 54 -15.21 13.17 -38.05
CA ASP C 54 -16.02 12.12 -38.70
C ASP C 54 -16.22 12.37 -40.21
N LEU C 55 -16.07 11.31 -41.01
CA LEU C 55 -16.24 11.41 -42.43
C LEU C 55 -17.09 10.24 -42.87
N SER C 56 -18.20 10.54 -43.52
CA SER C 56 -19.16 9.50 -43.87
C SER C 56 -19.69 9.73 -45.32
N PHE C 57 -19.96 8.64 -46.01
CA PHE C 57 -20.47 8.69 -47.39
C PHE C 57 -21.78 7.90 -47.54
N SER C 58 -22.82 8.54 -48.04
CA SER C 58 -24.12 7.85 -48.16
C SER C 58 -24.08 6.69 -49.15
N LYS C 59 -23.33 6.83 -50.22
CA LYS C 59 -23.39 5.87 -51.34
C LYS C 59 -23.32 4.40 -50.95
N ASP C 60 -22.40 4.09 -50.07
CA ASP C 60 -22.15 2.74 -49.67
C ASP C 60 -22.13 2.62 -48.14
N TRP C 61 -22.63 3.69 -47.50
CA TRP C 61 -22.71 3.83 -46.06
C TRP C 61 -21.37 3.69 -45.36
N SER C 62 -20.29 4.11 -46.01
CA SER C 62 -18.95 4.03 -45.40
C SER C 62 -18.76 5.16 -44.42
N PHE C 63 -17.86 4.95 -43.49
CA PHE C 63 -17.56 5.96 -42.50
C PHE C 63 -16.09 5.82 -42.06
N TYR C 64 -15.53 6.94 -41.61
CA TYR C 64 -14.10 7.00 -41.24
C TYR C 64 -13.91 7.89 -40.03
N LEU C 65 -13.87 7.29 -38.84
CA LEU C 65 -13.76 8.06 -37.57
C LEU C 65 -12.36 8.19 -36.97
N LEU C 66 -12.02 9.40 -36.54
CA LEU C 66 -10.79 9.63 -35.80
C LEU C 66 -11.10 10.25 -34.44
N TYR C 67 -10.88 9.46 -33.38
CA TYR C 67 -11.00 9.90 -31.98
C TYR C 67 -9.63 10.17 -31.43
N TYR C 68 -9.46 11.28 -30.74
CA TYR C 68 -8.12 11.62 -30.35
C TYR C 68 -8.10 12.35 -29.04
N THR C 69 -7.03 12.16 -28.28
CA THR C 69 -6.84 12.95 -27.08
C THR C 69 -5.37 13.28 -26.86
N GLU C 70 -5.11 14.49 -26.37
CA GLU C 70 -3.78 14.88 -25.97
C GLU C 70 -3.50 14.11 -24.68
N PHE C 71 -2.29 13.59 -24.53
CA PHE C 71 -1.86 12.90 -23.30
C PHE C 71 -0.31 12.86 -23.12
N THR C 72 0.18 12.75 -21.89
CA THR C 72 1.59 12.42 -21.68
C THR C 72 1.72 10.99 -21.14
N PRO C 73 2.26 10.08 -21.98
CA PRO C 73 2.40 8.69 -21.53
C PRO C 73 3.42 8.58 -20.42
N THR C 74 3.42 7.42 -19.77
CA THR C 74 4.36 7.15 -18.70
C THR C 74 4.86 5.74 -18.87
N GLU C 75 5.74 5.31 -17.96
CA GLU C 75 6.26 3.96 -18.03
C GLU C 75 5.06 3.04 -17.93
N LYS C 76 4.10 3.40 -17.08
CA LYS C 76 3.15 2.45 -16.56
C LYS C 76 1.65 2.50 -16.97
N ASP C 77 1.12 3.67 -17.38
CA ASP C 77 -0.33 3.81 -17.70
C ASP C 77 -0.63 3.03 -18.97
N GLU C 78 -1.79 2.37 -19.02
CA GLU C 78 -2.18 1.58 -20.21
C GLU C 78 -3.40 2.19 -20.90
N TYR C 79 -3.36 2.18 -22.23
CA TYR C 79 -4.33 2.90 -23.04
C TYR C 79 -5.02 2.00 -24.07
N ALA C 80 -6.27 2.28 -24.40
CA ALA C 80 -7.02 1.39 -25.29
C ALA C 80 -8.23 2.06 -25.92
N CYS C 81 -8.75 1.39 -26.93
CA CYS C 81 -9.90 1.88 -27.65
C CYS C 81 -11.03 0.90 -27.57
N ARG C 82 -12.23 1.40 -27.34
CA ARG C 82 -13.42 0.54 -27.22
C ARG C 82 -14.48 1.01 -28.15
N VAL C 83 -15.05 0.06 -28.88
CA VAL C 83 -15.95 0.35 -29.97
C VAL C 83 -17.18 -0.54 -29.84
N ASN C 84 -18.37 0.05 -29.89
CA ASN C 84 -19.62 -0.68 -29.81
C ASN C 84 -20.40 -0.56 -31.11
N HIS C 85 -21.25 -1.54 -31.47
CA HIS C 85 -21.84 -1.53 -32.82
C HIS C 85 -23.04 -2.44 -32.94
N VAL C 86 -23.83 -2.20 -33.99
CA VAL C 86 -24.87 -3.15 -34.37
C VAL C 86 -24.29 -4.54 -34.71
N THR C 87 -23.21 -4.57 -35.50
CA THR C 87 -22.64 -5.85 -35.97
C THR C 87 -22.00 -6.68 -34.84
N LEU C 88 -21.64 -5.99 -33.78
CA LEU C 88 -20.80 -6.52 -32.74
C LEU C 88 -21.55 -7.12 -31.58
N SER C 89 -21.35 -8.42 -31.40
CA SER C 89 -21.79 -9.16 -30.24
C SER C 89 -21.47 -8.49 -28.92
N GLN C 90 -20.18 -8.45 -28.64
CA GLN C 90 -19.61 -7.75 -27.50
C GLN C 90 -18.93 -6.52 -28.06
N PRO C 91 -18.73 -5.52 -27.21
CA PRO C 91 -17.88 -4.39 -27.55
C PRO C 91 -16.49 -4.86 -27.82
N LYS C 92 -15.80 -4.18 -28.70
CA LYS C 92 -14.48 -4.59 -29.17
C LYS C 92 -13.41 -3.68 -28.62
N ILE C 93 -12.35 -4.30 -28.13
CA ILE C 93 -11.27 -3.59 -27.51
C ILE C 93 -10.00 -3.72 -28.32
N VAL C 94 -9.30 -2.61 -28.51
CA VAL C 94 -7.96 -2.64 -29.07
C VAL C 94 -7.02 -1.85 -28.15
N LYS C 95 -6.08 -2.57 -27.56
CA LYS C 95 -5.15 -1.98 -26.65
C LYS C 95 -4.08 -1.27 -27.45
N TRP C 96 -3.64 -0.12 -26.93
CA TRP C 96 -2.51 0.61 -27.50
C TRP C 96 -1.24 -0.19 -27.30
N ASP C 97 -0.36 -0.22 -28.29
CA ASP C 97 0.81 -1.03 -28.21
C ASP C 97 2.04 -0.26 -27.70
N ARG C 98 2.74 0.52 -28.51
CA ARG C 98 4.08 0.98 -28.04
C ARG C 98 4.16 2.43 -27.61
N ARG D 4 21.19 15.16 38.57
CA ARG D 4 21.53 13.68 38.58
C ARG D 4 21.62 13.05 37.16
N THR D 5 20.49 12.86 36.46
CA THR D 5 20.46 12.33 35.07
C THR D 5 20.44 13.52 34.07
N PRO D 6 20.76 13.27 32.79
CA PRO D 6 20.86 14.40 31.83
C PRO D 6 19.55 15.17 31.58
N LYS D 7 19.66 16.47 31.28
CA LYS D 7 18.50 17.25 30.83
C LYS D 7 18.56 17.25 29.35
N ILE D 8 17.43 16.99 28.73
CA ILE D 8 17.37 17.01 27.29
C ILE D 8 16.28 17.93 26.74
N GLN D 9 16.67 18.83 25.86
CA GLN D 9 15.72 19.61 25.11
C GLN D 9 15.88 19.34 23.65
N VAL D 10 14.76 19.33 22.94
CA VAL D 10 14.72 19.03 21.50
C VAL D 10 13.92 20.10 20.80
N TYR D 11 14.49 20.76 19.81
CA TYR D 11 13.83 21.96 19.26
C TYR D 11 14.48 22.28 17.96
N SER D 12 13.76 23.02 17.12
CA SER D 12 14.26 23.43 15.80
C SER D 12 14.73 24.88 15.82
N ARG D 13 15.77 25.17 15.03
CA ARG D 13 16.31 26.53 14.92
C ARG D 13 15.25 27.57 14.54
N HIS D 14 14.24 27.18 13.79
CA HIS D 14 13.13 28.11 13.43
C HIS D 14 11.77 27.54 13.75
N PRO D 15 10.75 28.43 13.83
CA PRO D 15 9.35 28.03 13.66
C PRO D 15 9.38 27.19 12.38
N ALA D 16 8.92 25.95 12.50
CA ALA D 16 9.07 24.98 11.43
C ALA D 16 8.00 25.34 10.41
N GLU D 17 8.39 25.25 9.14
CA GLU D 17 7.47 25.34 8.00
C GLU D 17 7.91 24.23 7.04
N ASN D 18 6.96 23.59 6.36
CA ASN D 18 7.25 22.39 5.54
C ASN D 18 7.75 22.70 4.13
N GLY D 19 8.85 22.04 3.74
CA GLY D 19 9.47 22.27 2.45
C GLY D 19 10.55 23.34 2.46
N LYS D 20 10.85 23.90 3.63
CA LYS D 20 11.99 24.81 3.75
C LYS D 20 12.99 24.33 4.79
N SER D 21 14.21 24.82 4.67
CA SER D 21 15.33 24.27 5.40
C SER D 21 15.58 24.96 6.74
N ASN D 22 15.61 24.10 7.76
CA ASN D 22 15.63 24.47 9.16
C ASN D 22 16.69 23.55 9.77
N PHE D 23 16.86 23.60 11.08
CA PHE D 23 17.80 22.72 11.76
C PHE D 23 17.13 22.10 12.96
N LEU D 24 17.53 20.89 13.27
CA LEU D 24 16.95 20.17 14.38
C LEU D 24 18.01 19.97 15.42
N ASN D 25 17.71 20.46 16.63
CA ASN D 25 18.67 20.55 17.72
C ASN D 25 18.33 19.60 18.84
N CYS D 26 19.37 18.98 19.37
CA CYS D 26 19.29 18.29 20.63
C CYS D 26 20.35 18.80 21.63
N TYR D 27 19.88 19.45 22.65
CA TYR D 27 20.71 20.02 23.69
C TYR D 27 20.67 19.03 24.84
N VAL D 28 21.85 18.59 25.28
CA VAL D 28 21.93 17.68 26.43
C VAL D 28 22.92 18.22 27.45
N SER D 29 22.55 18.10 28.72
CA SER D 29 23.35 18.66 29.76
C SER D 29 23.30 17.83 31.03
N GLY D 30 24.46 17.70 31.69
CA GLY D 30 24.56 16.91 32.94
C GLY D 30 26.00 16.76 33.42
N PHE D 31 26.29 15.58 33.97
CA PHE D 31 27.59 15.31 34.59
C PHE D 31 28.15 13.96 34.18
N HIS D 32 29.44 13.92 33.91
CA HIS D 32 30.17 12.69 33.52
C HIS D 32 29.77 12.18 32.17
N GLY D 33 30.33 12.82 31.15
CA GLY D 33 29.91 12.59 29.78
C GLY D 33 30.82 11.74 28.93
N SER D 34 31.95 11.28 29.44
CA SER D 34 32.93 10.67 28.52
C SER D 34 32.25 9.54 27.73
N ASP D 35 31.38 8.81 28.43
CA ASP D 35 30.66 7.63 27.91
C ASP D 35 29.47 7.91 26.95
N ILE D 36 28.95 9.14 26.96
CA ILE D 36 27.56 9.38 26.55
C ILE D 36 27.38 9.30 25.07
N GLU D 37 26.23 8.78 24.67
CA GLU D 37 25.89 8.53 23.30
C GLU D 37 24.61 9.22 22.94
N VAL D 38 24.64 10.16 22.01
CA VAL D 38 23.40 10.88 21.58
C VAL D 38 23.06 10.70 20.10
N ASP D 39 21.84 10.29 19.76
CA ASP D 39 21.48 10.16 18.33
C ASP D 39 20.31 11.05 17.98
N LEU D 40 20.27 11.53 16.76
CA LEU D 40 19.06 12.14 16.26
C LEU D 40 18.31 11.13 15.42
N LEU D 41 17.01 11.12 15.58
CA LEU D 41 16.20 10.14 14.91
C LEU D 41 15.17 10.78 14.00
N LYS D 42 15.03 10.19 12.82
CA LYS D 42 13.91 10.51 11.90
C LYS D 42 13.11 9.26 11.67
N ASN D 43 11.84 9.32 12.02
CA ASN D 43 10.95 8.14 11.99
C ASN D 43 11.50 6.91 12.76
N GLY D 44 12.22 7.25 13.82
CA GLY D 44 12.78 6.28 14.73
C GLY D 44 14.09 5.66 14.29
N GLU D 45 14.63 6.06 13.14
CA GLU D 45 15.91 5.56 12.72
C GLU D 45 16.93 6.67 12.74
N ARG D 46 18.17 6.31 13.01
CA ARG D 46 19.28 7.24 13.19
C ARG D 46 19.50 8.05 11.96
N ILE D 47 19.69 9.35 12.11
CA ILE D 47 20.15 10.25 11.01
C ILE D 47 21.67 10.13 10.82
N GLU D 48 22.14 9.91 9.59
CA GLU D 48 23.58 9.56 9.31
C GLU D 48 24.57 10.66 9.57
N LYS D 49 24.36 11.80 8.94
CA LYS D 49 25.31 12.91 9.04
C LYS D 49 24.72 13.87 10.07
N VAL D 50 25.38 13.97 11.23
CA VAL D 50 24.91 14.80 12.34
C VAL D 50 26.14 15.43 12.98
N GLU D 51 26.05 16.69 13.37
CA GLU D 51 27.15 17.30 14.00
C GLU D 51 26.82 17.76 15.41
N HIS D 52 27.89 17.98 16.17
CA HIS D 52 27.74 18.39 17.53
C HIS D 52 28.88 19.21 18.01
N SER D 53 28.56 20.01 19.01
CA SER D 53 29.54 20.81 19.71
C SER D 53 29.42 20.50 21.16
N ASP D 54 30.57 20.28 21.79
CA ASP D 54 30.64 19.93 23.23
C ASP D 54 31.45 20.92 24.07
N LEU D 55 30.91 21.17 25.25
CA LEU D 55 31.48 22.02 26.21
C LEU D 55 31.51 21.27 27.52
N SER D 56 32.68 21.25 28.15
CA SER D 56 32.83 20.47 29.36
C SER D 56 33.77 21.13 30.37
N PHE D 57 33.47 20.94 31.66
CA PHE D 57 34.29 21.51 32.75
C PHE D 57 34.69 20.45 33.77
N SER D 58 35.97 20.42 34.11
CA SER D 58 36.44 19.37 35.02
C SER D 58 36.06 19.60 36.47
N LYS D 59 36.00 20.86 36.90
CA LYS D 59 35.70 21.15 38.30
C LYS D 59 34.56 20.30 38.88
N ASP D 60 33.47 20.18 38.16
CA ASP D 60 32.29 19.48 38.65
C ASP D 60 31.81 18.45 37.64
N TRP D 61 32.62 18.21 36.61
CA TRP D 61 32.35 17.27 35.55
C TRP D 61 31.08 17.57 34.78
N SER D 62 30.79 18.86 34.59
CA SER D 62 29.59 19.25 33.85
C SER D 62 29.87 19.25 32.40
N PHE D 63 28.83 18.97 31.63
CA PHE D 63 28.92 19.00 30.15
C PHE D 63 27.63 19.55 29.53
N TYR D 64 27.80 20.09 28.31
CA TYR D 64 26.78 20.77 27.56
C TYR D 64 26.96 20.37 26.11
N LEU D 65 26.07 19.50 25.59
CA LEU D 65 26.24 19.03 24.21
C LEU D 65 25.12 19.50 23.37
N LEU D 66 25.42 19.78 22.10
CA LEU D 66 24.40 20.21 21.18
C LEU D 66 24.52 19.44 19.87
N TYR D 67 23.58 18.55 19.59
CA TYR D 67 23.61 17.77 18.36
C TYR D 67 22.65 18.42 17.42
N TYR D 68 23.04 18.52 16.17
CA TYR D 68 22.21 19.22 15.24
C TYR D 68 22.28 18.66 13.85
N THR D 69 21.23 18.89 13.06
CA THR D 69 21.20 18.48 11.64
C THR D 69 20.30 19.39 10.81
N GLU D 70 20.74 19.71 9.60
CA GLU D 70 19.93 20.45 8.65
C GLU D 70 18.86 19.50 8.17
N PHE D 71 17.60 19.87 8.32
CA PHE D 71 16.51 19.01 7.82
C PHE D 71 15.34 19.77 7.27
N THR D 72 14.63 19.12 6.35
CA THR D 72 13.42 19.70 5.76
C THR D 72 12.18 18.97 6.30
N PRO D 73 11.50 19.55 7.32
CA PRO D 73 10.34 18.87 7.91
C PRO D 73 9.20 18.74 6.95
N THR D 74 8.35 17.77 7.19
CA THR D 74 7.13 17.63 6.43
C THR D 74 5.94 17.53 7.37
N GLU D 75 4.75 17.52 6.77
CA GLU D 75 3.50 17.34 7.49
C GLU D 75 3.68 16.19 8.46
N LYS D 76 4.16 15.06 7.98
CA LYS D 76 4.03 13.78 8.70
C LYS D 76 5.31 13.09 9.26
N ASP D 77 6.51 13.57 8.93
CA ASP D 77 7.79 12.94 9.39
C ASP D 77 7.97 13.24 10.87
N GLU D 78 8.21 12.22 11.70
CA GLU D 78 8.44 12.49 13.13
C GLU D 78 9.92 12.37 13.51
N TYR D 79 10.36 13.23 14.43
CA TYR D 79 11.78 13.39 14.74
C TYR D 79 12.02 13.37 16.25
N ALA D 80 13.12 12.75 16.70
CA ALA D 80 13.38 12.59 18.16
C ALA D 80 14.85 12.47 18.53
N CYS D 81 15.14 12.59 19.81
CA CYS D 81 16.49 12.51 20.34
C CYS D 81 16.64 11.26 21.22
N ARG D 82 17.75 10.57 21.11
CA ARG D 82 18.00 9.43 21.97
C ARG D 82 19.36 9.54 22.65
N VAL D 83 19.35 9.26 23.95
CA VAL D 83 20.47 9.51 24.80
C VAL D 83 20.72 8.32 25.71
N ASN D 84 21.92 7.78 25.64
CA ASN D 84 22.35 6.78 26.58
C ASN D 84 23.43 7.26 27.51
N HIS D 85 23.27 6.91 28.76
CA HIS D 85 24.14 7.40 29.81
C HIS D 85 24.19 6.33 30.90
N VAL D 86 25.25 6.36 31.69
CA VAL D 86 25.44 5.37 32.75
C VAL D 86 24.28 5.44 33.76
N THR D 87 23.92 6.66 34.13
CA THR D 87 22.87 6.95 35.12
C THR D 87 21.53 6.36 34.68
N LEU D 88 21.41 6.09 33.37
CA LEU D 88 20.19 5.57 32.76
C LEU D 88 20.26 4.05 32.51
N SER D 89 19.38 3.31 33.19
CA SER D 89 19.26 1.88 32.98
C SER D 89 18.82 1.59 31.55
N GLN D 90 18.01 2.47 30.97
CA GLN D 90 17.56 2.30 29.60
C GLN D 90 17.49 3.66 28.97
N PRO D 91 17.85 3.77 27.69
CA PRO D 91 18.01 5.05 26.96
C PRO D 91 16.79 5.96 27.06
N LYS D 92 17.00 7.26 27.08
CA LYS D 92 15.91 8.19 27.18
C LYS D 92 15.66 8.69 25.80
N ILE D 93 14.38 8.78 25.46
CA ILE D 93 13.91 9.33 24.20
C ILE D 93 13.16 10.62 24.45
N VAL D 94 13.46 11.65 23.68
CA VAL D 94 12.63 12.86 23.67
C VAL D 94 12.13 13.20 22.28
N LYS D 95 10.82 13.22 22.14
CA LYS D 95 10.22 13.48 20.86
C LYS D 95 10.18 14.97 20.61
N TRP D 96 10.50 15.37 19.37
CA TRP D 96 10.28 16.72 18.92
C TRP D 96 8.81 17.02 18.92
N ASP D 97 8.45 18.26 19.11
CA ASP D 97 7.06 18.62 19.13
C ASP D 97 6.68 19.74 18.13
N ARG D 98 7.19 20.96 18.34
CA ARG D 98 6.75 22.18 17.58
C ARG D 98 6.06 23.20 18.52
#